data_5NIY
#
_entry.id   5NIY
#
_cell.length_a   32.730
_cell.length_b   80.640
_cell.length_c   59.307
_cell.angle_alpha   90.00
_cell.angle_beta   95.23
_cell.angle_gamma   90.00
#
_symmetry.space_group_name_H-M   'P 1 21 1'
#
loop_
_entity.id
_entity.type
_entity.pdbx_description
1 polymer 'Signal recognition particle-docking protein FtsY'
2 non-polymer 'PHOSPHOAMINOPHOSPHONIC ACID-GUANYLATE ESTER'
3 water water
#
_entity_poly.entity_id   1
_entity_poly.type   'polypeptide(L)'
_entity_poly.pdbx_seq_one_letter_code
;MFARLKRSLLKTKENLGSGFISLFRGKKIDDDLFEELEEQLLIADVGVETTRKIITNLTEGASRKQLRDAEALYGLLKEE
MGEILAKVDEPLNVEGKAPFVILMVGVNGVGKTTTIGKLARQFEQQGKSVMLAAGDTFRAAAVEQLQVWGQRNNIPVIAQ
HTGADSASVIFDAIQAAKARNIDVLIADTAGRLQNKSHLMEELKKIVRVMKKLDVEAPHEVMLTIDASTGQNAVSQAKLF
HEAVGLTGITLTKLDGTAKGGVIFSVADQFGIPIRYIGVGERIEDLRPFKADDFIEALFAREDHHHHHH
;
_entity_poly.pdbx_strand_id   A
#
loop_
_chem_comp.id
_chem_comp.type
_chem_comp.name
_chem_comp.formula
GNP non-polymer 'PHOSPHOAMINOPHOSPHONIC ACID-GUANYLATE ESTER' 'C10 H17 N6 O13 P3'
#
# COMPACT_ATOMS: atom_id res chain seq x y z
N ALA A 3 9.70 -15.52 -10.79
CA ALA A 3 8.84 -15.01 -11.84
C ALA A 3 7.37 -15.14 -11.46
N ARG A 4 7.11 -15.39 -10.16
CA ARG A 4 5.75 -15.39 -9.67
C ARG A 4 5.12 -14.01 -9.81
N LEU A 5 5.90 -12.96 -9.55
CA LEU A 5 5.41 -11.60 -9.72
C LEU A 5 4.96 -11.35 -11.15
N LYS A 6 5.69 -11.91 -12.12
CA LYS A 6 5.34 -11.71 -13.52
C LYS A 6 3.94 -12.22 -13.83
N ARG A 7 3.60 -13.43 -13.38
CA ARG A 7 2.28 -13.95 -13.68
C ARG A 7 1.20 -13.26 -12.86
N SER A 8 1.52 -12.82 -11.64
CA SER A 8 0.52 -12.09 -10.86
C SER A 8 0.14 -10.78 -11.55
N LEU A 9 1.06 -10.18 -12.31
CA LEU A 9 0.76 -8.99 -13.08
C LEU A 9 0.20 -9.30 -14.46
N LEU A 10 -0.08 -10.56 -14.76
CA LEU A 10 -0.44 -10.93 -16.12
C LEU A 10 -1.60 -10.11 -16.64
N LYS A 11 -2.60 -9.82 -15.79
CA LYS A 11 -3.76 -9.07 -16.27
C LYS A 11 -3.44 -7.61 -16.53
N THR A 12 -2.54 -7.02 -15.72
CA THR A 12 -2.14 -5.63 -15.93
C THR A 12 -1.24 -5.47 -17.14
N LYS A 13 -0.49 -6.52 -17.47
CA LYS A 13 0.47 -6.44 -18.58
C LYS A 13 -0.22 -6.42 -19.95
N GLU A 14 -1.54 -6.63 -20.02
CA GLU A 14 -2.24 -6.52 -21.29
C GLU A 14 -2.19 -5.09 -21.82
N ASN A 15 -2.22 -4.11 -20.93
CA ASN A 15 -2.28 -2.70 -21.27
C ASN A 15 -1.05 -1.88 -20.89
N LEU A 16 -0.21 -2.36 -19.96
CA LEU A 16 0.93 -1.61 -19.46
C LEU A 16 2.20 -2.43 -19.61
N GLY A 17 3.32 -1.74 -19.70
CA GLY A 17 4.62 -2.38 -19.77
C GLY A 17 4.78 -3.15 -21.06
N SER A 18 4.87 -4.49 -20.97
CA SER A 18 4.91 -5.30 -22.18
C SER A 18 3.67 -5.08 -23.03
N GLY A 19 2.56 -4.66 -22.41
CA GLY A 19 1.38 -4.32 -23.18
C GLY A 19 1.57 -3.15 -24.13
N PHE A 20 2.60 -2.34 -23.92
CA PHE A 20 2.89 -1.24 -24.84
C PHE A 20 3.43 -1.73 -26.18
N ILE A 21 4.00 -2.93 -26.24
CA ILE A 21 4.71 -3.36 -27.44
C ILE A 21 3.76 -3.46 -28.63
N SER A 22 2.57 -4.07 -28.43
CA SER A 22 1.65 -4.22 -29.56
C SER A 22 1.11 -2.87 -30.01
N LEU A 23 1.01 -1.91 -29.10
CA LEU A 23 0.48 -0.59 -29.42
C LEU A 23 1.45 0.19 -30.30
N PHE A 24 2.77 0.06 -30.06
CA PHE A 24 3.74 0.85 -30.78
C PHE A 24 4.20 0.23 -32.09
N ARG A 25 3.92 -1.05 -32.31
CA ARG A 25 4.58 -1.78 -33.38
C ARG A 25 4.28 -1.17 -34.75
N GLY A 26 5.32 -0.80 -35.48
CA GLY A 26 5.17 -0.32 -36.84
C GLY A 26 4.62 1.07 -37.00
N LYS A 27 4.45 1.80 -35.89
CA LYS A 27 3.81 3.11 -35.93
C LYS A 27 4.84 4.22 -35.85
N LYS A 28 4.44 5.39 -36.33
CA LYS A 28 5.23 6.60 -36.20
C LYS A 28 4.80 7.37 -34.97
N ILE A 29 5.74 8.11 -34.39
CA ILE A 29 5.41 8.99 -33.27
C ILE A 29 4.67 10.20 -33.82
N ASP A 30 3.40 10.34 -33.44
CA ASP A 30 2.61 11.52 -33.79
C ASP A 30 1.50 11.68 -32.75
N ASP A 31 0.70 12.72 -32.93
CA ASP A 31 -0.36 13.03 -31.97
C ASP A 31 -1.35 11.87 -31.83
N ASP A 32 -1.67 11.20 -32.94
CA ASP A 32 -2.57 10.06 -32.88
C ASP A 32 -2.05 8.98 -31.96
N LEU A 33 -0.76 8.67 -32.05
CA LEU A 33 -0.17 7.66 -31.20
C LEU A 33 -0.23 8.06 -29.73
N PHE A 34 0.11 9.32 -29.42
CA PHE A 34 0.09 9.73 -28.02
C PHE A 34 -1.34 9.70 -27.48
N GLU A 35 -2.34 9.93 -28.33
CA GLU A 35 -3.72 9.80 -27.90
C GLU A 35 -4.09 8.35 -27.59
N GLU A 36 -3.70 7.42 -28.48
CA GLU A 36 -3.94 6.00 -28.21
C GLU A 36 -3.27 5.58 -26.92
N LEU A 37 -2.03 6.03 -26.69
CA LEU A 37 -1.34 5.69 -25.46
C LEU A 37 -2.05 6.27 -24.25
N GLU A 38 -2.52 7.52 -24.35
CA GLU A 38 -3.22 8.17 -23.26
C GLU A 38 -4.47 7.39 -22.89
N GLU A 39 -5.23 6.95 -23.90
CA GLU A 39 -6.42 6.14 -23.64
C GLU A 39 -6.05 4.84 -22.93
N GLN A 40 -4.96 4.20 -23.36
CA GLN A 40 -4.56 2.95 -22.73
C GLN A 40 -4.13 3.16 -21.28
N LEU A 41 -3.36 4.22 -21.01
CA LEU A 41 -3.00 4.52 -19.63
C LEU A 41 -4.23 4.79 -18.77
N LEU A 42 -5.22 5.49 -19.33
CA LEU A 42 -6.38 5.87 -18.51
C LEU A 42 -7.24 4.65 -18.22
N ILE A 43 -7.42 3.78 -19.20
CA ILE A 43 -8.20 2.57 -18.96
C ILE A 43 -7.52 1.71 -17.90
N ALA A 44 -6.20 1.74 -17.84
CA ALA A 44 -5.43 0.96 -16.88
C ALA A 44 -5.39 1.60 -15.49
N ASP A 45 -6.15 2.66 -15.24
CA ASP A 45 -6.28 3.32 -13.94
C ASP A 45 -5.04 4.10 -13.52
N VAL A 46 -4.20 4.53 -14.46
CA VAL A 46 -3.04 5.36 -14.10
C VAL A 46 -3.49 6.74 -13.61
N GLY A 47 -4.65 7.20 -14.02
CA GLY A 47 -5.17 8.44 -13.47
C GLY A 47 -4.86 9.64 -14.35
N VAL A 48 -5.74 10.66 -14.26
CA VAL A 48 -5.65 11.78 -15.19
C VAL A 48 -4.32 12.53 -15.03
N GLU A 49 -4.01 12.97 -13.81
CA GLU A 49 -2.84 13.80 -13.59
C GLU A 49 -1.56 13.03 -13.89
N THR A 50 -1.49 11.77 -13.47
CA THR A 50 -0.27 11.00 -13.70
C THR A 50 -0.10 10.65 -15.18
N THR A 51 -1.20 10.35 -15.87
CA THR A 51 -1.15 10.12 -17.31
C THR A 51 -0.65 11.34 -18.05
N ARG A 52 -1.15 12.53 -17.69
CA ARG A 52 -0.71 13.75 -18.34
C ARG A 52 0.79 13.95 -18.14
N LYS A 53 1.27 13.68 -16.93
CA LYS A 53 2.70 13.83 -16.65
C LYS A 53 3.50 12.83 -17.48
N ILE A 54 3.02 11.60 -17.59
CA ILE A 54 3.73 10.58 -18.36
C ILE A 54 3.77 10.96 -19.84
N ILE A 55 2.64 11.39 -20.39
CA ILE A 55 2.59 11.77 -21.80
C ILE A 55 3.50 12.96 -22.06
N THR A 56 3.43 13.96 -21.18
CA THR A 56 4.26 15.15 -21.35
C THR A 56 5.74 14.78 -21.32
N ASN A 57 6.15 13.99 -20.33
CA ASN A 57 7.56 13.64 -20.23
C ASN A 57 8.01 12.77 -21.39
N LEU A 58 7.14 11.86 -21.84
CA LEU A 58 7.48 10.98 -22.96
C LEU A 58 7.60 11.76 -24.27
N THR A 59 6.68 12.70 -24.50
CA THR A 59 6.75 13.53 -25.70
C THR A 59 8.05 14.32 -25.72
N GLU A 60 8.42 14.92 -24.58
CA GLU A 60 9.65 15.69 -24.51
C GLU A 60 10.87 14.80 -24.67
N GLY A 61 10.87 13.62 -24.04
CA GLY A 61 12.03 12.76 -24.10
C GLY A 61 12.27 12.23 -25.50
N ALA A 62 11.20 11.90 -26.22
CA ALA A 62 11.35 11.47 -27.61
C ALA A 62 11.81 12.61 -28.49
N SER A 63 11.30 13.82 -28.24
CA SER A 63 11.70 14.98 -29.03
C SER A 63 13.19 15.29 -28.85
N ARG A 64 13.70 15.16 -27.62
CA ARG A 64 15.09 15.48 -27.37
C ARG A 64 16.03 14.55 -28.13
N LYS A 65 15.60 13.32 -28.40
CA LYS A 65 16.38 12.37 -29.17
C LYS A 65 15.98 12.32 -30.64
N GLN A 66 15.01 13.15 -31.04
CA GLN A 66 14.49 13.16 -32.41
C GLN A 66 14.06 11.76 -32.84
N LEU A 67 13.39 11.05 -31.94
CA LEU A 67 12.88 9.73 -32.27
C LEU A 67 11.71 9.84 -33.23
N ARG A 68 11.62 8.91 -34.17
CA ARG A 68 10.50 8.76 -35.06
C ARG A 68 9.82 7.40 -34.96
N ASP A 69 10.56 6.37 -34.56
CA ASP A 69 10.03 5.01 -34.44
C ASP A 69 9.32 4.88 -33.09
N ALA A 70 8.01 4.60 -33.13
CA ALA A 70 7.24 4.47 -31.89
C ALA A 70 7.74 3.34 -31.01
N GLU A 71 8.38 2.32 -31.60
CA GLU A 71 8.77 1.18 -30.78
C GLU A 71 9.73 1.60 -29.67
N ALA A 72 10.58 2.60 -29.92
CA ALA A 72 11.54 3.04 -28.92
C ALA A 72 10.88 3.75 -27.74
N LEU A 73 9.60 4.09 -27.85
CA LEU A 73 8.91 4.67 -26.70
C LEU A 73 8.81 3.68 -25.55
N TYR A 74 8.92 2.38 -25.84
CA TYR A 74 8.88 1.37 -24.78
C TYR A 74 9.98 1.62 -23.77
N GLY A 75 11.21 1.84 -24.24
CA GLY A 75 12.30 2.06 -23.31
C GLY A 75 12.18 3.36 -22.54
N LEU A 76 11.71 4.42 -23.19
CA LEU A 76 11.52 5.69 -22.49
C LEU A 76 10.45 5.55 -21.42
N LEU A 77 9.35 4.85 -21.74
CA LEU A 77 8.31 4.63 -20.74
C LEU A 77 8.83 3.78 -19.59
N LYS A 78 9.64 2.76 -19.88
CA LYS A 78 10.21 1.96 -18.80
C LYS A 78 11.02 2.83 -17.85
N GLU A 79 11.83 3.73 -18.40
CA GLU A 79 12.63 4.62 -17.56
C GLU A 79 11.73 5.57 -16.78
N GLU A 80 10.77 6.19 -17.46
CA GLU A 80 9.99 7.24 -16.81
C GLU A 80 8.99 6.65 -15.81
N MET A 81 8.35 5.53 -16.14
CA MET A 81 7.47 4.92 -15.15
C MET A 81 8.27 4.29 -14.02
N GLY A 82 9.48 3.82 -14.32
CA GLY A 82 10.37 3.39 -13.27
C GLY A 82 10.72 4.51 -12.30
N GLU A 83 10.90 5.73 -12.81
CA GLU A 83 11.24 6.83 -11.91
CA GLU A 83 11.24 6.82 -11.90
C GLU A 83 10.07 7.16 -10.99
N ILE A 84 8.84 7.05 -11.50
CA ILE A 84 7.67 7.29 -10.67
C ILE A 84 7.68 6.36 -9.45
N LEU A 85 7.92 5.07 -9.69
CA LEU A 85 7.89 4.12 -8.58
C LEU A 85 9.13 4.19 -7.70
N ALA A 86 10.29 4.51 -8.28
CA ALA A 86 11.49 4.61 -7.47
C ALA A 86 11.35 5.64 -6.36
N LYS A 87 10.55 6.69 -6.57
CA LYS A 87 10.37 7.73 -5.57
C LYS A 87 9.61 7.24 -4.34
N VAL A 88 8.91 6.12 -4.42
CA VAL A 88 8.19 5.59 -3.26
C VAL A 88 8.71 4.21 -2.87
N ASP A 89 9.93 3.87 -3.30
CA ASP A 89 10.61 2.64 -2.89
C ASP A 89 11.40 2.98 -1.63
N GLU A 90 10.93 2.49 -0.50
CA GLU A 90 11.63 2.65 0.76
C GLU A 90 11.09 1.60 1.72
N PRO A 91 11.80 0.48 1.86
CA PRO A 91 11.27 -0.64 2.63
C PRO A 91 11.08 -0.24 4.08
N LEU A 92 10.04 -0.79 4.69
CA LEU A 92 9.80 -0.59 6.11
C LEU A 92 10.85 -1.33 6.92
N ASN A 93 11.41 -0.64 7.92
CA ASN A 93 12.35 -1.24 8.87
C ASN A 93 11.75 -1.10 10.27
N VAL A 94 11.41 -2.22 10.90
CA VAL A 94 10.72 -2.19 12.20
C VAL A 94 11.65 -2.49 13.36
N GLU A 95 12.96 -2.50 13.14
CA GLU A 95 13.84 -2.98 14.18
C GLU A 95 14.15 -1.88 15.20
N GLY A 96 14.60 -2.29 16.37
CA GLY A 96 15.24 -1.38 17.30
C GLY A 96 14.33 -0.56 18.19
N LYS A 97 13.05 -0.90 18.29
CA LYS A 97 12.15 -0.16 19.17
C LYS A 97 11.46 -1.12 20.14
N ALA A 98 10.80 -0.55 21.14
CA ALA A 98 10.33 -1.31 22.27
C ALA A 98 8.97 -0.85 22.79
N PRO A 99 7.90 -1.08 22.02
CA PRO A 99 7.85 -1.68 20.68
C PRO A 99 7.90 -0.65 19.55
N PHE A 100 8.23 -1.14 18.36
CA PHE A 100 7.90 -0.42 17.14
C PHE A 100 6.39 -0.51 16.93
N VAL A 101 5.71 0.63 16.87
CA VAL A 101 4.25 0.68 16.78
C VAL A 101 3.85 0.97 15.34
N ILE A 102 3.11 0.03 14.73
CA ILE A 102 2.49 0.25 13.43
C ILE A 102 1.00 0.49 13.65
N LEU A 103 0.53 1.68 13.28
CA LEU A 103 -0.91 1.98 13.31
C LEU A 103 -1.48 1.67 11.92
N MET A 104 -2.33 0.66 11.84
CA MET A 104 -2.92 0.24 10.57
C MET A 104 -4.22 1.00 10.32
N VAL A 105 -4.25 1.81 9.26
CA VAL A 105 -5.44 2.57 8.93
C VAL A 105 -5.95 2.17 7.56
N GLY A 106 -7.22 2.52 7.30
CA GLY A 106 -7.86 2.21 6.05
C GLY A 106 -9.31 1.81 6.26
N VAL A 107 -10.06 1.64 5.18
CA VAL A 107 -11.47 1.25 5.26
C VAL A 107 -11.57 -0.25 5.48
N ASN A 108 -12.76 -0.71 5.86
CA ASN A 108 -13.00 -2.14 5.97
C ASN A 108 -13.05 -2.79 4.59
N GLY A 109 -12.65 -4.06 4.52
CA GLY A 109 -12.85 -4.85 3.33
C GLY A 109 -11.78 -4.74 2.26
N VAL A 110 -10.66 -4.06 2.52
CA VAL A 110 -9.62 -3.88 1.52
C VAL A 110 -8.33 -4.61 1.89
N GLY A 111 -8.38 -5.51 2.87
CA GLY A 111 -7.23 -6.32 3.19
C GLY A 111 -6.51 -5.97 4.47
N LYS A 112 -7.12 -5.20 5.37
CA LYS A 112 -6.38 -4.72 6.54
C LYS A 112 -6.07 -5.85 7.51
N THR A 113 -7.08 -6.64 7.91
CA THR A 113 -6.80 -7.68 8.89
C THR A 113 -5.95 -8.80 8.31
N THR A 114 -6.13 -9.13 7.02
CA THR A 114 -5.23 -10.09 6.37
C THR A 114 -3.80 -9.58 6.36
N THR A 115 -3.61 -8.30 6.06
CA THR A 115 -2.26 -7.74 6.06
C THR A 115 -1.66 -7.79 7.46
N ILE A 116 -2.47 -7.51 8.49
CA ILE A 116 -1.98 -7.61 9.87
C ILE A 116 -1.44 -9.01 10.14
N GLY A 117 -2.20 -10.04 9.75
CA GLY A 117 -1.78 -11.41 10.02
C GLY A 117 -0.51 -11.76 9.28
N LYS A 118 -0.44 -11.43 7.99
CA LYS A 118 0.77 -11.74 7.19
C LYS A 118 1.99 -11.01 7.74
N LEU A 119 1.84 -9.71 8.06
CA LEU A 119 2.97 -8.96 8.63
C LEU A 119 3.41 -9.58 9.95
N ALA A 120 2.45 -9.89 10.81
CA ALA A 120 2.79 -10.50 12.09
C ALA A 120 3.57 -11.79 11.89
N ARG A 121 3.14 -12.63 10.96
CA ARG A 121 3.86 -13.88 10.69
C ARG A 121 5.24 -13.60 10.12
N GLN A 122 5.35 -12.62 9.21
CA GLN A 122 6.66 -12.30 8.64
C GLN A 122 7.64 -11.83 9.71
N PHE A 123 7.17 -10.93 10.59
CA PHE A 123 8.07 -10.42 11.64
C PHE A 123 8.50 -11.55 12.59
N GLU A 124 7.57 -12.43 12.97
CA GLU A 124 7.94 -13.57 13.81
CA GLU A 124 7.95 -13.56 13.81
C GLU A 124 8.92 -14.49 13.10
N GLN A 125 8.73 -14.70 11.79
CA GLN A 125 9.68 -15.51 11.01
C GLN A 125 11.07 -14.92 11.01
N GLN A 126 11.18 -13.61 11.25
CA GLN A 126 12.48 -12.93 11.31
C GLN A 126 13.06 -12.90 12.71
N GLY A 127 12.35 -13.45 13.69
CA GLY A 127 12.83 -13.44 15.04
C GLY A 127 12.34 -12.30 15.89
N LYS A 128 11.34 -11.55 15.44
CA LYS A 128 10.78 -10.45 16.22
C LYS A 128 9.52 -10.93 16.94
N SER A 129 9.35 -10.49 18.18
CA SER A 129 8.11 -10.77 18.88
C SER A 129 7.05 -9.74 18.53
N VAL A 130 5.80 -10.21 18.37
CA VAL A 130 4.72 -9.36 17.88
C VAL A 130 3.57 -9.40 18.86
N MET A 131 2.88 -8.28 18.98
CA MET A 131 1.63 -8.17 19.72
C MET A 131 0.64 -7.44 18.81
N LEU A 132 -0.64 -7.79 18.93
CA LEU A 132 -1.69 -7.10 18.18
C LEU A 132 -2.57 -6.31 19.12
N ALA A 133 -3.11 -5.20 18.63
CA ALA A 133 -4.11 -4.43 19.37
C ALA A 133 -5.39 -4.38 18.55
N ALA A 134 -6.48 -4.88 19.12
CA ALA A 134 -7.75 -4.96 18.41
C ALA A 134 -8.49 -3.63 18.56
N GLY A 135 -7.98 -2.61 17.87
CA GLY A 135 -8.54 -1.28 18.03
C GLY A 135 -9.75 -0.96 17.17
N ASP A 136 -10.23 -1.90 16.36
CA ASP A 136 -11.48 -1.73 15.62
C ASP A 136 -12.62 -2.22 16.52
N THR A 137 -12.89 -1.42 17.56
CA THR A 137 -13.53 -1.93 18.77
C THR A 137 -15.02 -2.20 18.63
N PHE A 138 -15.69 -1.65 17.62
CA PHE A 138 -17.11 -1.91 17.44
C PHE A 138 -17.40 -3.09 16.51
N ARG A 139 -16.40 -3.60 15.81
CA ARG A 139 -16.59 -4.74 14.91
C ARG A 139 -16.19 -5.98 15.68
N ALA A 140 -17.15 -6.56 16.41
CA ALA A 140 -16.86 -7.73 17.22
C ALA A 140 -16.29 -8.87 16.38
N ALA A 141 -16.74 -9.02 15.13
CA ALA A 141 -16.22 -10.08 14.28
C ALA A 141 -14.74 -9.87 13.98
N ALA A 142 -14.34 -8.61 13.73
CA ALA A 142 -12.93 -8.31 13.49
C ALA A 142 -12.10 -8.55 14.73
N VAL A 143 -12.61 -8.16 15.90
CA VAL A 143 -11.89 -8.37 17.15
C VAL A 143 -11.75 -9.86 17.45
N GLU A 144 -12.84 -10.61 17.31
CA GLU A 144 -12.77 -12.06 17.52
C GLU A 144 -11.81 -12.72 16.54
N GLN A 145 -11.77 -12.24 15.30
CA GLN A 145 -10.85 -12.80 14.31
C GLN A 145 -9.40 -12.68 14.78
N LEU A 146 -9.00 -11.48 15.22
CA LEU A 146 -7.64 -11.30 15.73
C LEU A 146 -7.39 -12.15 16.97
N GLN A 147 -8.34 -12.20 17.90
CA GLN A 147 -8.14 -12.99 19.12
C GLN A 147 -7.94 -14.46 18.81
N VAL A 148 -8.83 -15.05 18.01
CA VAL A 148 -8.75 -16.47 17.73
C VAL A 148 -7.48 -16.78 16.94
N TRP A 149 -7.18 -15.94 15.96
CA TRP A 149 -5.98 -16.17 15.15
C TRP A 149 -4.72 -16.01 15.97
N GLY A 150 -4.66 -14.99 16.83
CA GLY A 150 -3.47 -14.80 17.65
C GLY A 150 -3.26 -15.96 18.62
N GLN A 151 -4.34 -16.46 19.23
CA GLN A 151 -4.19 -17.58 20.14
C GLN A 151 -3.59 -18.78 19.42
N ARG A 152 -4.09 -19.08 18.22
CA ARG A 152 -3.54 -20.17 17.41
C ARG A 152 -2.05 -19.99 17.16
N ASN A 153 -1.58 -18.75 17.06
CA ASN A 153 -0.23 -18.45 16.63
C ASN A 153 0.66 -18.00 17.77
N ASN A 154 0.20 -18.13 19.02
CA ASN A 154 0.97 -17.71 20.19
C ASN A 154 1.41 -16.26 20.08
N ILE A 155 0.53 -15.42 19.57
CA ILE A 155 0.77 -13.98 19.43
C ILE A 155 -0.22 -13.26 20.32
N PRO A 156 0.22 -12.49 21.32
CA PRO A 156 -0.73 -11.85 22.24
C PRO A 156 -1.58 -10.82 21.50
N VAL A 157 -2.84 -10.75 21.89
CA VAL A 157 -3.81 -9.83 21.30
C VAL A 157 -4.47 -9.09 22.45
N ILE A 158 -4.37 -7.76 22.43
CA ILE A 158 -5.03 -6.90 23.42
C ILE A 158 -6.38 -6.47 22.87
N ALA A 159 -7.44 -6.77 23.61
CA ALA A 159 -8.78 -6.46 23.15
C ALA A 159 -9.66 -6.15 24.36
N GLN A 160 -10.66 -5.29 24.16
CA GLN A 160 -11.58 -4.96 25.25
C GLN A 160 -13.03 -5.07 24.80
N HIS A 161 -13.96 -4.67 25.67
CA HIS A 161 -15.39 -4.77 25.43
CA HIS A 161 -15.36 -4.88 25.37
C HIS A 161 -15.76 -4.12 24.11
N THR A 162 -16.83 -4.61 23.47
CA THR A 162 -17.28 -4.04 22.21
C THR A 162 -17.59 -2.55 22.40
N GLY A 163 -16.99 -1.71 21.56
CA GLY A 163 -17.23 -0.29 21.69
C GLY A 163 -16.36 0.43 22.70
N ALA A 164 -15.35 -0.25 23.26
CA ALA A 164 -14.35 0.43 24.07
C ALA A 164 -13.68 1.54 23.27
N ASP A 165 -13.15 2.53 23.99
CA ASP A 165 -12.44 3.61 23.33
C ASP A 165 -11.19 3.06 22.65
N SER A 166 -11.14 3.22 21.32
CA SER A 166 -10.03 2.68 20.52
C SER A 166 -8.68 3.20 21.02
N ALA A 167 -8.59 4.50 21.33
CA ALA A 167 -7.33 5.06 21.80
C ALA A 167 -6.89 4.42 23.11
N SER A 168 -7.85 4.11 23.99
CA SER A 168 -7.50 3.50 25.26
CA SER A 168 -7.52 3.49 25.26
C SER A 168 -7.06 2.05 25.08
N VAL A 169 -7.72 1.31 24.18
CA VAL A 169 -7.27 -0.05 23.90
C VAL A 169 -5.85 -0.05 23.39
N ILE A 170 -5.53 0.90 22.50
CA ILE A 170 -4.21 0.92 21.90
C ILE A 170 -3.17 1.41 22.91
N PHE A 171 -3.56 2.38 23.76
CA PHE A 171 -2.73 2.77 24.89
C PHE A 171 -2.38 1.56 25.76
N ASP A 172 -3.41 0.79 26.14
CA ASP A 172 -3.17 -0.36 27.01
C ASP A 172 -2.30 -1.38 26.32
N ALA A 173 -2.39 -1.48 24.99
CA ALA A 173 -1.58 -2.43 24.24
C ALA A 173 -0.13 -2.00 24.20
N ILE A 174 0.13 -0.69 24.06
CA ILE A 174 1.51 -0.22 24.08
C ILE A 174 2.12 -0.44 25.46
N GLN A 175 1.35 -0.14 26.52
CA GLN A 175 1.84 -0.40 27.87
C GLN A 175 2.14 -1.89 28.05
N ALA A 176 1.27 -2.76 27.57
CA ALA A 176 1.51 -4.19 27.71
C ALA A 176 2.72 -4.62 26.90
N ALA A 177 2.84 -4.12 25.68
CA ALA A 177 4.01 -4.45 24.86
C ALA A 177 5.30 -4.03 25.52
N LYS A 178 5.33 -2.84 26.13
CA LYS A 178 6.53 -2.40 26.82
C LYS A 178 6.85 -3.30 28.00
N ALA A 179 5.81 -3.78 28.70
CA ALA A 179 6.05 -4.60 29.87
C ALA A 179 6.49 -6.01 29.51
N ARG A 180 6.27 -6.44 28.27
CA ARG A 180 6.47 -7.83 27.88
C ARG A 180 7.49 -7.99 26.76
N ASN A 181 8.38 -7.02 26.58
CA ASN A 181 9.53 -7.14 25.68
C ASN A 181 9.11 -7.44 24.24
N ILE A 182 8.01 -6.83 23.82
CA ILE A 182 7.51 -6.98 22.47
C ILE A 182 8.30 -6.09 21.51
N ASP A 183 8.71 -6.65 20.36
CA ASP A 183 9.45 -5.87 19.38
C ASP A 183 8.55 -5.04 18.47
N VAL A 184 7.38 -5.57 18.10
CA VAL A 184 6.47 -4.92 17.16
C VAL A 184 5.05 -5.03 17.66
N LEU A 185 4.37 -3.88 17.78
CA LEU A 185 2.95 -3.81 18.11
C LEU A 185 2.21 -3.37 16.86
N ILE A 186 1.26 -4.18 16.39
CA ILE A 186 0.47 -3.83 15.20
C ILE A 186 -0.95 -3.52 15.67
N ALA A 187 -1.40 -2.28 15.45
CA ALA A 187 -2.68 -1.83 16.00
C ALA A 187 -3.70 -1.65 14.88
N ASP A 188 -4.79 -2.42 14.95
CA ASP A 188 -5.92 -2.25 14.06
C ASP A 188 -6.74 -1.04 14.49
N THR A 189 -7.48 -0.47 13.53
CA THR A 189 -8.30 0.71 13.77
C THR A 189 -9.62 0.56 13.01
N ALA A 190 -10.60 1.38 13.41
CA ALA A 190 -11.88 1.37 12.73
C ALA A 190 -11.73 1.79 11.27
N GLY A 191 -12.63 1.29 10.42
CA GLY A 191 -12.56 1.55 8.99
C GLY A 191 -13.85 1.98 8.34
N ARG A 192 -14.72 2.59 9.12
CA ARG A 192 -15.99 3.12 8.62
C ARG A 192 -15.78 4.60 8.32
N LEU A 193 -15.46 4.90 7.06
CA LEU A 193 -15.21 6.26 6.61
C LEU A 193 -16.48 6.94 6.09
N GLN A 194 -17.64 6.37 6.38
CA GLN A 194 -18.89 7.01 5.99
C GLN A 194 -19.06 8.35 6.70
N ASN A 195 -18.50 8.49 7.89
CA ASN A 195 -18.39 9.78 8.56
C ASN A 195 -16.92 10.18 8.55
N LYS A 196 -16.59 11.15 7.68
CA LYS A 196 -15.23 11.67 7.59
C LYS A 196 -14.78 12.24 8.93
N SER A 197 -15.57 13.15 9.50
CA SER A 197 -15.13 13.88 10.68
C SER A 197 -14.88 12.95 11.87
N HIS A 198 -15.75 11.97 12.10
CA HIS A 198 -15.63 11.15 13.30
C HIS A 198 -14.41 10.23 13.22
N LEU A 199 -14.36 9.35 12.21
CA LEU A 199 -13.22 8.45 12.09
C LEU A 199 -11.91 9.19 12.09
N MET A 200 -11.84 10.29 11.34
CA MET A 200 -10.60 11.04 11.29
C MET A 200 -10.29 11.72 12.62
N GLU A 201 -11.31 12.06 13.41
CA GLU A 201 -11.06 12.56 14.75
C GLU A 201 -10.62 11.45 15.70
N GLU A 202 -11.13 10.24 15.49
CA GLU A 202 -10.70 9.12 16.32
C GLU A 202 -9.23 8.81 16.09
N LEU A 203 -8.79 8.85 14.84
CA LEU A 203 -7.38 8.57 14.54
C LEU A 203 -6.47 9.61 15.15
N LYS A 204 -6.87 10.89 15.12
CA LYS A 204 -6.07 11.93 15.76
C LYS A 204 -5.97 11.70 17.25
N LYS A 205 -7.06 11.25 17.87
CA LYS A 205 -7.05 10.95 19.30
C LYS A 205 -6.11 9.79 19.61
N ILE A 206 -6.16 8.74 18.81
CA ILE A 206 -5.27 7.61 19.00
C ILE A 206 -3.82 8.06 18.98
N VAL A 207 -3.47 8.87 17.98
CA VAL A 207 -2.08 9.29 17.81
C VAL A 207 -1.64 10.16 18.98
N ARG A 208 -2.51 11.04 19.48
CA ARG A 208 -2.14 11.89 20.60
CA ARG A 208 -2.14 11.89 20.60
C ARG A 208 -1.97 11.09 21.88
N VAL A 209 -2.85 10.11 22.12
CA VAL A 209 -2.78 9.35 23.35
C VAL A 209 -1.49 8.53 23.43
N MET A 210 -0.99 8.05 22.28
CA MET A 210 0.24 7.28 22.26
C MET A 210 1.41 8.05 22.85
N LYS A 211 1.39 9.38 22.72
CA LYS A 211 2.50 10.21 23.18
C LYS A 211 2.66 10.22 24.69
N LYS A 212 1.62 9.86 25.45
CA LYS A 212 1.81 9.72 26.90
C LYS A 212 2.86 8.68 27.22
N LEU A 213 3.04 7.70 26.34
CA LEU A 213 3.94 6.58 26.61
C LEU A 213 5.22 6.63 25.82
N ASP A 214 5.19 7.19 24.61
CA ASP A 214 6.36 7.18 23.73
C ASP A 214 6.22 8.34 22.76
N VAL A 215 7.15 9.30 22.85
CA VAL A 215 7.06 10.48 22.00
C VAL A 215 7.24 10.11 20.53
N GLU A 216 7.76 8.91 20.23
CA GLU A 216 7.98 8.47 18.86
C GLU A 216 6.84 7.66 18.30
N ALA A 217 5.88 7.26 19.13
CA ALA A 217 4.77 6.43 18.65
C ALA A 217 3.64 7.29 18.09
N PRO A 218 3.05 6.88 16.95
CA PRO A 218 3.34 5.64 16.21
C PRO A 218 4.58 5.77 15.33
N HIS A 219 5.36 4.69 15.21
CA HIS A 219 6.55 4.73 14.37
C HIS A 219 6.25 4.58 12.89
N GLU A 220 5.10 4.00 12.56
CA GLU A 220 4.63 3.90 11.19
C GLU A 220 3.12 4.02 11.23
N VAL A 221 2.56 4.85 10.35
CA VAL A 221 1.13 4.87 10.08
C VAL A 221 0.96 4.29 8.68
N MET A 222 0.42 3.09 8.61
CA MET A 222 0.36 2.31 7.38
C MET A 222 -1.06 2.29 6.85
N LEU A 223 -1.27 2.80 5.64
CA LEU A 223 -2.54 2.67 4.96
C LEU A 223 -2.60 1.39 4.15
N THR A 224 -3.72 0.67 4.23
CA THR A 224 -3.95 -0.47 3.35
C THR A 224 -5.04 -0.11 2.36
N ILE A 225 -4.75 -0.29 1.06
CA ILE A 225 -5.68 -0.07 -0.02
C ILE A 225 -5.61 -1.27 -0.97
N ASP A 226 -6.68 -1.44 -1.75
CA ASP A 226 -6.93 -2.62 -2.57
C ASP A 226 -6.86 -2.22 -4.04
N ALA A 227 -5.83 -2.71 -4.76
CA ALA A 227 -5.66 -2.33 -6.18
C ALA A 227 -6.88 -2.69 -7.01
N SER A 228 -7.61 -3.75 -6.64
CA SER A 228 -8.74 -4.17 -7.45
C SER A 228 -9.89 -3.17 -7.40
N THR A 229 -9.84 -2.20 -6.48
CA THR A 229 -10.87 -1.17 -6.38
C THR A 229 -10.56 0.04 -7.23
N GLY A 230 -9.45 0.01 -7.97
CA GLY A 230 -9.15 1.05 -8.95
C GLY A 230 -9.03 2.42 -8.31
N GLN A 231 -9.81 3.37 -8.84
CA GLN A 231 -9.71 4.74 -8.35
C GLN A 231 -10.18 4.90 -6.92
N ASN A 232 -10.96 3.95 -6.39
CA ASN A 232 -11.31 4.01 -4.98
C ASN A 232 -10.08 3.93 -4.09
N ALA A 233 -9.04 3.21 -4.54
CA ALA A 233 -7.80 3.19 -3.77
C ALA A 233 -7.20 4.57 -3.67
N VAL A 234 -7.26 5.35 -4.76
CA VAL A 234 -6.69 6.68 -4.76
C VAL A 234 -7.51 7.63 -3.89
N SER A 235 -8.83 7.57 -3.99
CA SER A 235 -9.63 8.47 -3.17
C SER A 235 -9.52 8.11 -1.69
N GLN A 236 -9.33 6.83 -1.35
CA GLN A 236 -9.11 6.44 0.03
C GLN A 236 -7.76 6.95 0.55
N ALA A 237 -6.71 6.84 -0.25
CA ALA A 237 -5.43 7.38 0.17
C ALA A 237 -5.52 8.87 0.40
N LYS A 238 -6.22 9.58 -0.48
CA LYS A 238 -6.34 11.03 -0.34
C LYS A 238 -7.07 11.39 0.96
N LEU A 239 -8.14 10.65 1.28
CA LEU A 239 -8.89 10.94 2.51
C LEU A 239 -8.05 10.68 3.75
N PHE A 240 -7.36 9.54 3.80
CA PHE A 240 -6.56 9.24 4.98
C PHE A 240 -5.32 10.12 5.06
N HIS A 241 -4.77 10.49 3.90
CA HIS A 241 -3.60 11.38 3.87
C HIS A 241 -3.91 12.73 4.49
N GLU A 242 -5.12 13.25 4.28
CA GLU A 242 -5.52 14.54 4.84
C GLU A 242 -5.89 14.44 6.32
N ALA A 243 -6.19 13.24 6.81
CA ALA A 243 -6.65 13.05 8.18
C ALA A 243 -5.53 12.82 9.16
N VAL A 244 -4.53 12.03 8.77
CA VAL A 244 -3.53 11.51 9.68
C VAL A 244 -2.21 11.49 8.92
N GLY A 245 -1.10 11.39 9.67
CA GLY A 245 0.21 11.41 9.04
C GLY A 245 0.67 10.08 8.49
N LEU A 246 0.20 9.72 7.29
CA LEU A 246 0.59 8.46 6.68
C LEU A 246 2.10 8.43 6.43
N THR A 247 2.72 7.31 6.77
CA THR A 247 4.12 7.10 6.44
C THR A 247 4.37 5.88 5.57
N GLY A 248 3.39 5.02 5.37
CA GLY A 248 3.56 3.85 4.51
C GLY A 248 2.22 3.44 3.90
N ILE A 249 2.30 2.78 2.74
CA ILE A 249 1.13 2.23 2.06
C ILE A 249 1.38 0.76 1.75
N THR A 250 0.37 -0.07 1.99
CA THR A 250 0.35 -1.45 1.50
C THR A 250 -0.74 -1.54 0.44
N LEU A 251 -0.39 -2.01 -0.76
CA LEU A 251 -1.33 -2.12 -1.87
C LEU A 251 -1.61 -3.60 -2.12
N THR A 252 -2.82 -4.04 -1.80
CA THR A 252 -3.16 -5.45 -1.88
C THR A 252 -3.80 -5.82 -3.22
N LYS A 253 -3.85 -7.13 -3.48
CA LYS A 253 -4.66 -7.71 -4.55
C LYS A 253 -4.26 -7.19 -5.93
N LEU A 254 -2.96 -7.14 -6.18
CA LEU A 254 -2.49 -6.85 -7.53
C LEU A 254 -2.68 -8.06 -8.45
N ASP A 255 -2.64 -9.27 -7.91
CA ASP A 255 -2.80 -10.45 -8.74
C ASP A 255 -4.24 -10.57 -9.21
N GLY A 256 -4.42 -10.72 -10.51
CA GLY A 256 -5.73 -10.99 -11.07
C GLY A 256 -6.60 -9.78 -11.34
N THR A 257 -6.06 -8.58 -11.24
CA THR A 257 -6.79 -7.38 -11.63
C THR A 257 -6.10 -6.73 -12.82
N ALA A 258 -6.89 -6.15 -13.71
CA ALA A 258 -6.34 -5.35 -14.80
C ALA A 258 -6.14 -3.91 -14.38
N LYS A 259 -6.36 -3.59 -13.11
CA LYS A 259 -6.30 -2.22 -12.62
C LYS A 259 -4.99 -1.89 -11.93
N GLY A 260 -3.96 -2.73 -12.11
CA GLY A 260 -2.69 -2.54 -11.43
C GLY A 260 -2.02 -1.20 -11.72
N GLY A 261 -2.38 -0.55 -12.83
CA GLY A 261 -1.88 0.78 -13.12
C GLY A 261 -2.12 1.79 -12.02
N VAL A 262 -3.05 1.51 -11.11
CA VAL A 262 -3.29 2.43 -10.01
C VAL A 262 -2.06 2.64 -9.15
N ILE A 263 -1.11 1.71 -9.17
CA ILE A 263 0.08 1.89 -8.34
C ILE A 263 0.84 3.14 -8.76
N PHE A 264 0.81 3.48 -10.06
CA PHE A 264 1.50 4.68 -10.51
C PHE A 264 0.79 5.93 -10.02
N SER A 265 -0.53 5.90 -9.98
CA SER A 265 -1.30 7.03 -9.48
C SER A 265 -1.06 7.24 -7.99
N VAL A 266 -1.05 6.15 -7.22
CA VAL A 266 -0.79 6.25 -5.78
C VAL A 266 0.62 6.78 -5.53
N ALA A 267 1.59 6.25 -6.26
CA ALA A 267 2.97 6.73 -6.13
C ALA A 267 3.05 8.21 -6.45
N ASP A 268 2.55 8.61 -7.62
CA ASP A 268 2.78 9.96 -8.12
C ASP A 268 2.00 11.01 -7.32
N GLN A 269 0.76 10.71 -6.97
CA GLN A 269 -0.07 11.71 -6.32
C GLN A 269 0.35 12.02 -4.89
N PHE A 270 0.85 11.03 -4.16
CA PHE A 270 1.06 11.21 -2.73
C PHE A 270 2.51 11.13 -2.29
N GLY A 271 3.37 10.43 -3.03
CA GLY A 271 4.77 10.39 -2.64
C GLY A 271 5.05 9.67 -1.34
N ILE A 272 4.11 8.90 -0.83
CA ILE A 272 4.28 8.13 0.39
C ILE A 272 4.87 6.77 0.01
N PRO A 273 5.88 6.29 0.74
CA PRO A 273 6.47 4.99 0.42
C PRO A 273 5.42 3.89 0.33
N ILE A 274 5.51 3.09 -0.72
CA ILE A 274 4.75 1.84 -0.81
C ILE A 274 5.62 0.77 -0.15
N ARG A 275 5.20 0.33 1.05
CA ARG A 275 6.04 -0.60 1.80
C ARG A 275 5.89 -2.04 1.30
N TYR A 276 4.68 -2.44 0.93
CA TYR A 276 4.39 -3.81 0.56
C TYR A 276 3.37 -3.84 -0.57
N ILE A 277 3.47 -4.86 -1.43
CA ILE A 277 2.46 -5.14 -2.44
C ILE A 277 1.98 -6.58 -2.28
N GLY A 278 0.67 -6.80 -2.38
CA GLY A 278 0.13 -8.14 -2.27
C GLY A 278 0.01 -8.82 -3.63
N VAL A 279 0.77 -9.89 -3.87
CA VAL A 279 0.83 -10.53 -5.18
C VAL A 279 0.32 -11.96 -5.15
N GLY A 280 -0.31 -12.37 -4.06
CA GLY A 280 -0.85 -13.71 -3.96
C GLY A 280 -1.44 -13.91 -2.58
N GLU A 281 -1.85 -15.13 -2.29
CA GLU A 281 -2.54 -15.39 -1.04
C GLU A 281 -1.63 -15.92 0.06
N ARG A 282 -0.39 -16.28 -0.26
CA ARG A 282 0.48 -16.80 0.79
C ARG A 282 1.06 -15.65 1.61
N ILE A 283 1.58 -15.99 2.78
CA ILE A 283 2.24 -15.01 3.64
C ILE A 283 3.34 -14.30 2.87
N GLU A 284 4.22 -15.06 2.22
CA GLU A 284 5.33 -14.47 1.49
C GLU A 284 4.87 -13.70 0.26
N ASP A 285 3.60 -13.83 -0.14
CA ASP A 285 3.13 -13.05 -1.28
C ASP A 285 2.77 -11.61 -0.91
N LEU A 286 2.82 -11.25 0.36
CA LEU A 286 2.85 -9.83 0.76
C LEU A 286 4.31 -9.43 0.70
N ARG A 287 4.71 -8.88 -0.47
CA ARG A 287 6.14 -8.68 -0.71
C ARG A 287 6.58 -7.28 -0.35
N PRO A 288 7.74 -7.10 0.26
CA PRO A 288 8.30 -5.75 0.35
C PRO A 288 8.42 -5.17 -1.06
N PHE A 289 7.97 -3.94 -1.22
CA PHE A 289 7.90 -3.35 -2.56
C PHE A 289 9.28 -2.90 -3.01
N LYS A 290 9.70 -3.41 -4.16
CA LYS A 290 10.93 -2.99 -4.83
C LYS A 290 10.58 -2.52 -6.23
N ALA A 291 10.78 -1.22 -6.48
CA ALA A 291 10.35 -0.62 -7.75
C ALA A 291 11.00 -1.27 -8.96
N ASP A 292 12.31 -1.56 -8.88
CA ASP A 292 12.98 -2.12 -10.06
C ASP A 292 12.46 -3.51 -10.38
N ASP A 293 12.22 -4.34 -9.36
CA ASP A 293 11.63 -5.65 -9.59
C ASP A 293 10.25 -5.54 -10.22
N PHE A 294 9.43 -4.60 -9.71
CA PHE A 294 8.08 -4.45 -10.23
C PHE A 294 8.12 -4.01 -11.70
N ILE A 295 8.97 -3.02 -12.01
CA ILE A 295 9.07 -2.55 -13.39
C ILE A 295 9.57 -3.66 -14.31
N GLU A 296 10.57 -4.44 -13.86
CA GLU A 296 11.06 -5.52 -14.71
C GLU A 296 9.96 -6.51 -15.02
N ALA A 297 9.18 -6.90 -14.00
CA ALA A 297 8.10 -7.86 -14.24
C ALA A 297 7.04 -7.27 -15.15
N LEU A 298 6.70 -6.00 -14.94
CA LEU A 298 5.66 -5.36 -15.73
C LEU A 298 6.07 -5.22 -17.20
N PHE A 299 7.34 -4.91 -17.46
CA PHE A 299 7.76 -4.59 -18.82
C PHE A 299 8.32 -5.77 -19.60
N ALA A 300 8.67 -6.87 -18.93
CA ALA A 300 9.24 -8.01 -19.63
C ALA A 300 8.19 -8.70 -20.48
N ARG A 301 8.55 -9.03 -21.73
CA ARG A 301 7.54 -9.58 -22.60
C ARG A 301 7.24 -11.04 -22.24
N GLU A 302 6.25 -11.59 -22.93
CA GLU A 302 5.59 -12.87 -22.61
C GLU A 302 4.65 -12.70 -21.43
PG GNP B . -13.77 -7.39 6.44
O1G GNP B . -14.19 -5.94 6.33
O2G GNP B . -14.56 -8.20 7.44
O3G GNP B . -13.82 -8.19 5.16
N3B GNP B . -12.24 -7.41 6.90
PB GNP B . -11.14 -6.32 6.55
O1B GNP B . -11.69 -4.96 6.56
O2B GNP B . -10.01 -6.58 7.46
O3A GNP B . -10.62 -6.62 5.15
PA GNP B . -9.99 -7.98 4.92
O1A GNP B . -10.91 -9.04 5.43
O2A GNP B . -8.61 -7.99 5.44
O5' GNP B . -9.88 -8.21 3.38
C5' GNP B . -9.10 -9.30 2.99
C4' GNP B . -9.80 -10.11 1.92
O4' GNP B . -9.08 -9.85 0.71
C3' GNP B . -9.62 -11.61 2.07
O3' GNP B . -10.32 -12.29 1.03
C2' GNP B . -8.12 -11.68 1.87
O2' GNP B . -7.62 -12.97 1.61
C1' GNP B . -8.08 -10.84 0.60
N9 GNP B . -6.78 -10.24 0.40
C8 GNP B . -6.09 -9.35 1.21
N7 GNP B . -4.94 -9.03 0.70
C5 GNP B . -4.87 -9.73 -0.50
C6 GNP B . -3.88 -9.80 -1.51
O6 GNP B . -2.80 -9.22 -1.56
N1 GNP B . -4.23 -10.64 -2.56
C2 GNP B . -5.40 -11.35 -2.64
N2 GNP B . -5.59 -12.11 -3.71
N3 GNP B . -6.35 -11.31 -1.72
C4 GNP B . -6.01 -10.48 -0.70
#